data_3O9P
#
_entry.id   3O9P
#
_cell.length_a   165.074
_cell.length_b   165.074
_cell.length_c   38.167
_cell.angle_alpha   90.00
_cell.angle_beta   90.00
_cell.angle_gamma   120.00
#
_symmetry.space_group_name_H-M   'P 6'
#
loop_
_entity.id
_entity.type
_entity.pdbx_description
1 polymer 'Periplasmic murein peptide-binding protein'
2 non-polymer 'L-ALA-GAMMA-D-GLU-MESO-DIAMINOPIMELIC ACID'
3 non-polymer 'ZINC ION'
4 water water
#
_entity_poly.entity_id   1
_entity_poly.type   'polypeptide(L)'
_entity_poly.pdbx_seq_one_letter_code
;GPAMAEVPSGTVLAEKQELVRHIKDEPASLDPAKAVGLPEIQVIRDLFEGLVNQNEKGEIVPGVATQWKSNDNRIWTFTL
RDNAKWADGTPVTAQDFVYSWQRLVDPKTLSPFAWFAALAGINNAQAIIDGKATPDQLGVTAVDAHTLKIQLDKPLPWFV
NLTANFAFFPVQKANVESGKEWTKPGNLIGNGAYVLKERVVNEKLVVVPNTHYWDNAKTVLQKVTFLPINQESAATKRYL
AGDIDITESFPKNMYQKLLKDIPGQVYTPPQLGTYYYAFNTQKGPTADQRVRLALSMTIDRRLMTEKVLGTGEKPAWHFT
PDVTAGFTPEPSPFEQMSQEELNAQAKTLLSAAGYGPQKPLKLTLLYNTSENHQKIAIAVASMWKKNLGVDVKLQNQEWK
TYIDSRNTGNFDVIRASWVGDYNEPSTFLTLLTSTHSGNISRFNNPAYDKVLAQASTENTVKARNADYNAAEKILMEQAP
IAPIYQYTNGRLIKPWLKGYPINNPEDVAYSRTMYIVKH
;
_entity_poly.pdbx_strand_id   A
#
loop_
_chem_comp.id
_chem_comp.type
_chem_comp.name
_chem_comp.formula
MHI non-polymer 'L-ALA-GAMMA-D-GLU-MESO-DIAMINOPIMELIC ACID' 'C15 H26 N4 O8'
ZN non-polymer 'ZINC ION' 'Zn 2'
#
# COMPACT_ATOMS: atom_id res chain seq x y z
N THR A 11 -20.03 29.05 11.07
CA THR A 11 -19.93 29.90 12.31
C THR A 11 -18.72 29.43 13.08
N VAL A 12 -18.51 28.12 13.02
CA VAL A 12 -17.35 27.51 13.64
C VAL A 12 -16.19 27.39 12.59
N LEU A 13 -16.48 27.64 11.30
CA LEU A 13 -15.50 27.36 10.21
C LEU A 13 -14.60 28.53 9.93
N ALA A 14 -13.32 28.28 9.63
CA ALA A 14 -12.38 29.36 9.33
C ALA A 14 -12.75 29.94 7.99
N GLU A 15 -12.36 31.20 7.82
CA GLU A 15 -12.48 31.93 6.55
C GLU A 15 -11.60 31.32 5.45
N LYS A 16 -10.36 30.96 5.74
CA LYS A 16 -9.50 30.45 4.66
C LYS A 16 -9.54 28.89 4.80
N GLN A 17 -10.27 28.24 3.90
CA GLN A 17 -10.37 26.75 3.91
C GLN A 17 -9.29 26.20 2.97
N GLU A 18 -8.05 26.29 3.44
CA GLU A 18 -6.86 25.79 2.73
C GLU A 18 -6.07 24.90 3.70
N LEU A 19 -5.44 23.85 3.20
CA LEU A 19 -4.75 22.85 3.99
C LEU A 19 -3.38 22.58 3.41
N VAL A 20 -2.41 22.40 4.31
CA VAL A 20 -1.10 21.97 3.93
C VAL A 20 -0.91 20.57 4.50
N ARG A 21 -0.76 19.61 3.63
CA ARG A 21 -0.62 18.23 4.03
C ARG A 21 0.74 17.69 3.71
N HIS A 22 1.40 17.11 4.70
CA HIS A 22 2.68 16.48 4.42
C HIS A 22 2.49 15.06 3.92
N ILE A 23 3.24 14.70 2.90
CA ILE A 23 3.38 13.33 2.46
C ILE A 23 4.88 13.04 2.52
N LYS A 24 5.24 11.81 2.87
CA LYS A 24 6.62 11.42 3.03
C LYS A 24 7.51 11.46 1.81
N ASP A 25 6.97 11.30 0.62
CA ASP A 25 7.84 11.31 -0.56
C ASP A 25 7.20 11.88 -1.81
N GLU A 26 8.04 12.20 -2.78
CA GLU A 26 7.60 12.66 -4.08
C GLU A 26 6.82 11.54 -4.81
N PRO A 27 5.58 11.82 -5.22
CA PRO A 27 4.81 10.77 -5.96
C PRO A 27 5.46 10.34 -7.28
N ALA A 28 5.40 9.03 -7.54
CA ALA A 28 6.03 8.45 -8.70
C ALA A 28 5.15 8.68 -9.93
N SER A 29 3.85 8.68 -9.77
CA SER A 29 2.98 8.78 -11.01
C SER A 29 1.58 9.05 -10.49
N LEU A 30 0.85 9.90 -11.18
CA LEU A 30 -0.53 10.21 -10.84
C LEU A 30 -1.55 9.43 -11.72
N ASP A 31 -1.07 8.53 -12.55
CA ASP A 31 -1.91 7.65 -13.38
C ASP A 31 -2.22 6.46 -12.51
N PRO A 32 -3.50 6.26 -12.19
CA PRO A 32 -3.96 5.13 -11.39
C PRO A 32 -3.40 3.81 -11.87
N ALA A 33 -3.24 3.65 -13.17
CA ALA A 33 -2.72 2.37 -13.70
C ALA A 33 -1.19 2.23 -13.64
N LYS A 34 -0.48 3.24 -13.12
CA LYS A 34 0.97 3.21 -13.00
C LYS A 34 1.48 3.53 -11.60
N ALA A 35 0.56 3.90 -10.69
CA ALA A 35 0.82 4.14 -9.29
C ALA A 35 1.12 2.81 -8.61
N VAL A 36 1.93 2.86 -7.54
CA VAL A 36 2.19 1.66 -6.82
C VAL A 36 2.22 1.79 -5.29
N GLY A 37 2.49 3.01 -4.75
CA GLY A 37 2.53 3.26 -3.34
C GLY A 37 1.87 4.53 -2.84
N LEU A 38 1.90 4.69 -1.53
CA LEU A 38 1.12 5.72 -0.87
C LEU A 38 1.48 7.15 -1.18
N PRO A 39 2.75 7.46 -1.58
CA PRO A 39 2.96 8.86 -1.91
C PRO A 39 2.02 9.32 -3.06
N GLU A 40 2.00 8.59 -4.18
CA GLU A 40 1.04 8.83 -5.31
C GLU A 40 -0.43 8.69 -4.86
N ILE A 41 -0.70 7.56 -4.23
CA ILE A 41 -2.05 7.09 -4.01
C ILE A 41 -2.78 8.15 -3.19
N GLN A 42 -2.10 8.79 -2.23
CA GLN A 42 -2.75 9.78 -1.38
C GLN A 42 -3.32 10.93 -2.21
N VAL A 43 -2.62 11.25 -3.30
CA VAL A 43 -3.01 12.33 -4.13
C VAL A 43 -4.06 11.92 -5.16
N ILE A 44 -3.91 10.74 -5.69
CA ILE A 44 -4.83 10.16 -6.66
C ILE A 44 -6.23 10.07 -6.08
N ARG A 45 -6.37 9.78 -4.80
CA ARG A 45 -7.71 9.73 -4.18
C ARG A 45 -8.42 11.07 -4.11
N ASP A 46 -7.66 12.19 -4.20
CA ASP A 46 -8.28 13.48 -4.35
C ASP A 46 -8.65 13.79 -5.82
N LEU A 47 -7.85 13.32 -6.77
CA LEU A 47 -8.02 13.68 -8.19
C LEU A 47 -8.98 12.73 -8.95
N PHE A 48 -9.11 11.49 -8.47
CA PHE A 48 -9.96 10.49 -9.09
C PHE A 48 -10.89 9.85 -8.10
N GLU A 49 -11.89 9.13 -8.61
CA GLU A 49 -12.88 8.45 -7.72
C GLU A 49 -13.35 7.14 -8.35
N GLY A 50 -13.44 6.11 -7.52
CA GLY A 50 -13.88 4.82 -8.00
C GLY A 50 -15.41 4.68 -7.86
N LEU A 51 -15.86 3.47 -8.17
CA LEU A 51 -17.24 3.11 -8.04
C LEU A 51 -17.69 3.37 -6.65
N VAL A 52 -16.83 3.08 -5.65
CA VAL A 52 -17.19 3.29 -4.28
C VAL A 52 -16.05 4.01 -3.53
N ASN A 53 -16.38 4.56 -2.37
CA ASN A 53 -15.41 5.10 -1.44
C ASN A 53 -15.46 4.32 -0.14
N GLN A 54 -14.51 4.61 0.77
CA GLN A 54 -14.54 4.13 2.11
C GLN A 54 -14.91 5.21 3.05
N ASN A 55 -15.73 4.92 4.07
CA ASN A 55 -15.98 5.91 5.12
C ASN A 55 -14.85 5.81 6.14
N GLU A 56 -14.95 6.56 7.22
CA GLU A 56 -13.91 6.57 8.28
C GLU A 56 -13.73 5.23 8.95
N LYS A 57 -14.80 4.45 9.09
CA LYS A 57 -14.71 3.09 9.63
C LYS A 57 -14.18 2.09 8.61
N GLY A 58 -13.97 2.48 7.38
CA GLY A 58 -13.51 1.54 6.37
C GLY A 58 -14.70 0.84 5.70
N GLU A 59 -15.93 1.25 5.96
CA GLU A 59 -17.05 0.66 5.31
C GLU A 59 -17.18 1.26 3.88
N ILE A 60 -17.75 0.49 2.98
CA ILE A 60 -18.00 0.90 1.60
C ILE A 60 -19.19 1.83 1.53
N VAL A 61 -19.04 2.99 0.88
CA VAL A 61 -20.12 3.97 0.64
C VAL A 61 -20.09 4.41 -0.84
N PRO A 62 -21.21 4.98 -1.32
CA PRO A 62 -21.29 5.38 -2.71
C PRO A 62 -20.17 6.25 -3.21
N GLY A 63 -19.69 5.89 -4.40
CA GLY A 63 -18.75 6.75 -5.18
C GLY A 63 -19.44 7.18 -6.45
N VAL A 64 -18.83 6.87 -7.61
CA VAL A 64 -19.54 7.02 -8.84
C VAL A 64 -20.84 6.18 -8.82
N ALA A 65 -20.82 4.97 -8.22
CA ALA A 65 -22.04 4.13 -8.10
C ALA A 65 -22.83 4.49 -6.87
N THR A 66 -24.13 4.49 -7.01
CA THR A 66 -25.11 4.58 -5.91
C THR A 66 -25.54 3.22 -5.42
N GLN A 67 -25.42 2.20 -6.28
CA GLN A 67 -25.78 0.82 -5.85
C GLN A 67 -24.95 -0.25 -6.47
N TRP A 68 -24.90 -1.39 -5.80
CA TRP A 68 -24.21 -2.51 -6.36
C TRP A 68 -24.91 -3.79 -5.92
N LYS A 69 -25.18 -4.69 -6.87
CA LYS A 69 -25.98 -5.87 -6.57
C LYS A 69 -25.34 -7.10 -7.14
N SER A 70 -25.54 -8.20 -6.42
CA SER A 70 -25.09 -9.53 -6.90
C SER A 70 -25.88 -10.63 -6.28
N ASN A 71 -26.37 -11.59 -7.07
CA ASN A 71 -27.13 -12.74 -6.47
C ASN A 71 -26.24 -13.84 -5.94
N ASP A 72 -25.03 -13.94 -6.48
CA ASP A 72 -24.12 -15.06 -6.21
C ASP A 72 -22.67 -14.65 -5.87
N ASN A 73 -22.43 -13.36 -5.65
CA ASN A 73 -21.09 -12.82 -5.52
C ASN A 73 -20.15 -13.04 -6.69
N ARG A 74 -20.65 -13.45 -7.82
CA ARG A 74 -19.85 -13.56 -9.06
C ARG A 74 -20.16 -12.56 -10.18
N ILE A 75 -21.42 -12.30 -10.36
CA ILE A 75 -21.88 -11.34 -11.42
C ILE A 75 -22.32 -10.13 -10.64
N TRP A 76 -21.67 -9.02 -10.88
CA TRP A 76 -21.97 -7.83 -10.09
C TRP A 76 -22.54 -6.75 -10.98
N THR A 77 -23.63 -6.13 -10.58
CA THR A 77 -24.13 -4.99 -11.36
C THR A 77 -24.07 -3.69 -10.57
N PHE A 78 -23.31 -2.73 -11.07
CA PHE A 78 -23.29 -1.37 -10.52
C PHE A 78 -24.14 -0.34 -11.26
N THR A 79 -24.97 0.35 -10.51
CA THR A 79 -25.66 1.49 -11.00
C THR A 79 -24.84 2.75 -10.68
N LEU A 80 -24.58 3.52 -11.73
CA LEU A 80 -23.85 4.73 -11.66
C LEU A 80 -24.81 5.90 -11.51
N ARG A 81 -24.39 6.93 -10.79
CA ARG A 81 -25.12 8.21 -10.79
C ARG A 81 -25.05 8.91 -12.15
N ASP A 82 -26.18 9.49 -12.52
CA ASP A 82 -26.43 10.38 -13.69
C ASP A 82 -25.56 11.60 -13.86
N ASN A 83 -25.15 12.13 -12.72
CA ASN A 83 -24.49 13.40 -12.67
C ASN A 83 -23.03 13.31 -12.13
N ALA A 84 -22.40 12.14 -12.20
CA ALA A 84 -20.95 12.07 -11.98
C ALA A 84 -20.23 12.67 -13.16
N LYS A 85 -19.20 13.51 -12.88
CA LYS A 85 -18.48 14.20 -13.96
C LYS A 85 -16.97 14.21 -13.82
N TRP A 86 -16.31 14.20 -14.98
CA TRP A 86 -14.92 14.53 -15.11
C TRP A 86 -14.67 16.05 -14.88
N ALA A 87 -13.42 16.39 -14.60
CA ALA A 87 -13.09 17.80 -14.33
C ALA A 87 -13.34 18.68 -15.54
N ASP A 88 -13.58 18.10 -16.72
CA ASP A 88 -13.95 18.94 -17.90
C ASP A 88 -15.47 19.02 -18.12
N GLY A 89 -16.25 18.68 -17.10
CA GLY A 89 -17.67 18.73 -17.19
C GLY A 89 -18.39 17.64 -18.01
N THR A 90 -17.68 16.70 -18.59
CA THR A 90 -18.29 15.58 -19.25
C THR A 90 -18.69 14.45 -18.29
N PRO A 91 -19.63 13.61 -18.70
CA PRO A 91 -20.11 12.61 -17.76
C PRO A 91 -19.17 11.44 -17.53
N VAL A 92 -19.26 10.86 -16.31
CA VAL A 92 -18.52 9.63 -16.03
C VAL A 92 -19.52 8.48 -16.36
N THR A 93 -19.08 7.61 -17.26
CA THR A 93 -19.89 6.47 -17.76
C THR A 93 -19.34 5.07 -17.43
N ALA A 94 -20.19 4.05 -17.56
CA ALA A 94 -19.79 2.67 -17.49
C ALA A 94 -18.68 2.39 -18.50
N GLN A 95 -18.78 2.94 -19.69
CA GLN A 95 -17.70 2.73 -20.68
C GLN A 95 -16.33 3.22 -20.22
N ASP A 96 -16.30 4.30 -19.44
CA ASP A 96 -15.08 4.80 -18.89
C ASP A 96 -14.38 3.73 -18.12
N PHE A 97 -15.14 3.04 -17.29
CA PHE A 97 -14.60 1.91 -16.51
C PHE A 97 -14.16 0.74 -17.32
N VAL A 98 -14.95 0.38 -18.34
CA VAL A 98 -14.56 -0.71 -19.26
C VAL A 98 -13.19 -0.43 -19.85
N TYR A 99 -13.10 0.75 -20.42
CA TYR A 99 -11.87 1.23 -21.01
C TYR A 99 -10.70 1.17 -19.97
N SER A 100 -10.94 1.65 -18.77
CA SER A 100 -9.86 1.83 -17.73
C SER A 100 -9.43 0.46 -17.18
N TRP A 101 -10.36 -0.47 -17.00
CA TRP A 101 -9.98 -1.80 -16.52
C TRP A 101 -9.33 -2.65 -17.60
N GLN A 102 -9.75 -2.55 -18.86
CA GLN A 102 -9.00 -3.20 -19.96
C GLN A 102 -7.59 -2.66 -20.01
N ARG A 103 -7.49 -1.34 -19.89
CA ARG A 103 -6.17 -0.71 -19.86
C ARG A 103 -5.26 -1.18 -18.68
N LEU A 104 -5.84 -1.41 -17.51
CA LEU A 104 -5.12 -1.95 -16.32
C LEU A 104 -4.48 -3.31 -16.60
N VAL A 105 -5.18 -4.19 -17.33
CA VAL A 105 -4.67 -5.51 -17.63
C VAL A 105 -3.90 -5.57 -18.94
N ASP A 106 -4.04 -4.58 -19.79
CA ASP A 106 -3.37 -4.53 -21.09
C ASP A 106 -1.84 -4.55 -20.94
N PRO A 107 -1.19 -5.60 -21.44
CA PRO A 107 0.29 -5.65 -21.43
C PRO A 107 0.95 -4.35 -21.91
N LYS A 108 0.31 -3.61 -22.79
CA LYS A 108 0.93 -2.36 -23.31
C LYS A 108 1.13 -1.34 -22.18
N THR A 109 0.25 -1.36 -21.18
CA THR A 109 0.27 -0.45 -20.07
C THR A 109 1.41 -0.73 -19.08
N LEU A 110 1.85 -1.98 -18.97
CA LEU A 110 2.84 -2.42 -17.96
C LEU A 110 2.45 -1.96 -16.57
N SER A 111 1.19 -2.13 -16.23
CA SER A 111 0.77 -1.66 -14.91
C SER A 111 1.38 -2.48 -13.75
N PRO A 112 1.86 -1.80 -12.69
CA PRO A 112 2.34 -2.59 -11.57
C PRO A 112 1.20 -3.08 -10.74
N PHE A 113 -0.04 -2.78 -11.12
CA PHE A 113 -1.20 -3.38 -10.45
C PHE A 113 -2.13 -4.33 -11.35
N ALA A 114 -1.60 -4.77 -12.49
CA ALA A 114 -2.37 -5.53 -13.48
C ALA A 114 -2.94 -6.73 -12.80
N TRP A 115 -2.12 -7.35 -11.92
CA TRP A 115 -2.47 -8.54 -11.19
C TRP A 115 -3.72 -8.35 -10.31
N PHE A 116 -4.08 -7.10 -10.03
CA PHE A 116 -5.23 -6.83 -9.17
C PHE A 116 -6.53 -7.29 -9.81
N ALA A 117 -6.60 -7.21 -11.13
CA ALA A 117 -7.79 -7.66 -11.86
C ALA A 117 -7.91 -9.22 -11.73
N ALA A 118 -6.78 -9.93 -11.69
CA ALA A 118 -6.75 -11.38 -11.48
C ALA A 118 -7.10 -11.75 -10.07
N LEU A 119 -6.56 -11.01 -9.11
CA LEU A 119 -7.00 -11.18 -7.72
C LEU A 119 -8.48 -11.01 -7.54
N ALA A 120 -9.07 -10.12 -8.34
CA ALA A 120 -10.52 -9.91 -8.27
C ALA A 120 -11.24 -11.11 -8.90
N GLY A 121 -10.59 -11.83 -9.82
CA GLY A 121 -11.20 -12.97 -10.51
C GLY A 121 -12.02 -12.50 -11.70
N ILE A 122 -11.78 -11.30 -12.22
CA ILE A 122 -12.55 -10.78 -13.37
C ILE A 122 -12.22 -11.63 -14.53
N ASN A 123 -13.23 -11.99 -15.33
CA ASN A 123 -13.10 -13.07 -16.26
C ASN A 123 -12.07 -12.73 -17.29
N ASN A 124 -11.15 -13.67 -17.50
CA ASN A 124 -10.05 -13.56 -18.45
C ASN A 124 -8.87 -12.63 -18.05
N ALA A 125 -8.86 -12.11 -16.81
CA ALA A 125 -7.77 -11.16 -16.39
C ALA A 125 -6.39 -11.72 -16.68
N GLN A 126 -6.09 -12.92 -16.13
CA GLN A 126 -4.75 -13.49 -16.31
C GLN A 126 -4.39 -13.80 -17.80
N ALA A 127 -5.36 -14.29 -18.58
CA ALA A 127 -5.04 -14.51 -19.99
C ALA A 127 -4.63 -13.23 -20.70
N ILE A 128 -5.30 -12.12 -20.34
CA ILE A 128 -4.99 -10.83 -20.98
C ILE A 128 -3.62 -10.30 -20.54
N ILE A 129 -3.37 -10.37 -19.24
CA ILE A 129 -2.06 -9.95 -18.73
C ILE A 129 -0.96 -10.73 -19.42
N ASP A 130 -1.23 -12.03 -19.65
CA ASP A 130 -0.21 -12.88 -20.28
C ASP A 130 -0.16 -12.83 -21.83
N GLY A 131 -1.04 -12.04 -22.45
CA GLY A 131 -1.05 -11.90 -23.91
C GLY A 131 -1.73 -13.03 -24.69
N LYS A 132 -2.48 -13.85 -23.98
CA LYS A 132 -3.18 -14.97 -24.59
C LYS A 132 -4.61 -14.64 -24.97
N ALA A 133 -5.12 -13.51 -24.52
CA ALA A 133 -6.45 -13.04 -24.89
C ALA A 133 -6.36 -11.51 -25.12
N THR A 134 -7.21 -10.95 -25.97
CA THR A 134 -7.19 -9.48 -26.13
C THR A 134 -7.96 -8.76 -25.00
N PRO A 135 -7.65 -7.46 -24.78
CA PRO A 135 -8.24 -6.80 -23.61
C PRO A 135 -9.78 -6.71 -23.65
N ASP A 136 -10.37 -6.63 -24.86
CA ASP A 136 -11.85 -6.64 -24.95
C ASP A 136 -12.42 -7.96 -24.41
N GLN A 137 -11.59 -9.00 -24.19
CA GLN A 137 -12.15 -10.25 -23.63
C GLN A 137 -12.41 -10.20 -22.11
N LEU A 138 -12.04 -9.10 -21.44
CA LEU A 138 -12.22 -8.93 -20.01
C LEU A 138 -13.66 -8.89 -19.64
N GLY A 139 -13.97 -9.45 -18.50
CA GLY A 139 -15.32 -9.59 -18.03
C GLY A 139 -15.99 -8.38 -17.44
N VAL A 140 -15.99 -7.29 -18.19
CA VAL A 140 -16.57 -6.01 -17.71
C VAL A 140 -17.40 -5.42 -18.84
N THR A 141 -18.68 -5.15 -18.64
CA THR A 141 -19.54 -4.65 -19.80
C THR A 141 -20.27 -3.38 -19.38
N ALA A 142 -20.30 -2.36 -20.24
CA ALA A 142 -21.25 -1.24 -20.10
C ALA A 142 -22.62 -1.68 -20.64
N VAL A 143 -23.60 -2.00 -19.80
CA VAL A 143 -24.90 -2.39 -20.29
C VAL A 143 -25.61 -1.14 -20.87
N ASP A 144 -25.52 -0.03 -20.13
CA ASP A 144 -25.78 1.34 -20.67
C ASP A 144 -24.81 2.29 -19.94
N ALA A 145 -24.90 3.59 -20.24
CA ALA A 145 -24.03 4.59 -19.64
C ALA A 145 -24.01 4.56 -18.14
N HIS A 146 -25.11 4.16 -17.48
CA HIS A 146 -25.25 4.18 -16.02
C HIS A 146 -25.24 2.76 -15.38
N THR A 147 -24.84 1.74 -16.14
CA THR A 147 -24.99 0.31 -15.69
C THR A 147 -23.78 -0.45 -16.15
N LEU A 148 -23.00 -0.87 -15.16
CA LEU A 148 -21.74 -1.59 -15.37
C LEU A 148 -21.88 -2.98 -14.76
N LYS A 149 -21.60 -3.96 -15.58
CA LYS A 149 -21.79 -5.38 -15.23
C LYS A 149 -20.46 -6.12 -15.32
N ILE A 150 -20.10 -6.78 -14.22
CA ILE A 150 -18.78 -7.37 -14.10
C ILE A 150 -18.98 -8.89 -13.88
N GLN A 151 -18.20 -9.67 -14.60
CA GLN A 151 -18.29 -11.11 -14.52
C GLN A 151 -17.04 -11.66 -13.91
N LEU A 152 -17.17 -12.25 -12.73
CA LEU A 152 -16.03 -12.85 -12.04
C LEU A 152 -16.00 -14.37 -12.22
N ASP A 153 -14.80 -14.95 -12.21
CA ASP A 153 -14.49 -16.42 -12.26
C ASP A 153 -15.04 -17.18 -11.08
N LYS A 154 -15.12 -16.54 -9.93
CA LYS A 154 -15.38 -17.21 -8.67
C LYS A 154 -16.15 -16.27 -7.82
N PRO A 155 -16.88 -16.78 -6.84
CA PRO A 155 -17.56 -15.83 -5.98
C PRO A 155 -16.61 -15.08 -5.07
N LEU A 156 -16.85 -13.79 -4.86
CA LEU A 156 -15.93 -12.99 -4.07
C LEU A 156 -16.75 -12.04 -3.31
N PRO A 157 -17.04 -12.34 -2.05
CA PRO A 157 -17.98 -11.51 -1.37
C PRO A 157 -17.49 -10.06 -1.21
N TRP A 158 -16.19 -9.83 -1.16
CA TRP A 158 -15.66 -8.48 -0.87
C TRP A 158 -15.29 -7.79 -2.16
N PHE A 159 -15.86 -8.25 -3.28
CA PHE A 159 -15.43 -7.69 -4.54
C PHE A 159 -15.60 -6.14 -4.57
N VAL A 160 -16.71 -5.65 -3.99
CA VAL A 160 -17.02 -4.24 -4.04
C VAL A 160 -15.97 -3.41 -3.32
N ASN A 161 -15.43 -3.95 -2.23
CA ASN A 161 -14.31 -3.32 -1.52
C ASN A 161 -13.15 -3.06 -2.45
N LEU A 162 -12.96 -3.96 -3.41
CA LEU A 162 -11.82 -3.81 -4.24
C LEU A 162 -11.97 -2.63 -5.14
N THR A 163 -13.21 -2.26 -5.44
CA THR A 163 -13.45 -1.13 -6.32
C THR A 163 -13.16 0.26 -5.66
N ALA A 164 -13.06 0.30 -4.32
CA ALA A 164 -12.52 1.51 -3.63
C ALA A 164 -11.01 1.71 -3.84
N ASN A 165 -10.35 0.74 -4.45
CA ASN A 165 -8.90 0.73 -4.63
C ASN A 165 -8.55 1.44 -5.88
N PHE A 166 -7.47 2.22 -5.79
CA PHE A 166 -7.05 3.14 -6.81
C PHE A 166 -6.89 2.52 -8.19
N ALA A 167 -6.52 1.23 -8.25
CA ALA A 167 -6.11 0.59 -9.51
C ALA A 167 -7.36 0.46 -10.34
N PHE A 168 -8.51 0.40 -9.69
CA PHE A 168 -9.81 0.39 -10.42
C PHE A 168 -10.49 1.75 -10.61
N PHE A 169 -9.74 2.82 -10.39
CA PHE A 169 -10.28 4.13 -10.66
C PHE A 169 -10.34 4.32 -12.18
N PRO A 170 -11.33 5.04 -12.64
CA PRO A 170 -11.44 5.35 -14.04
C PRO A 170 -10.46 6.41 -14.49
N VAL A 171 -10.01 6.27 -15.73
CA VAL A 171 -9.33 7.35 -16.43
C VAL A 171 -10.12 7.69 -17.71
N GLN A 172 -9.95 8.91 -18.19
CA GLN A 172 -10.67 9.41 -19.32
C GLN A 172 -9.82 9.21 -20.59
N LYS A 173 -10.37 8.41 -21.52
CA LYS A 173 -9.68 8.03 -22.74
C LYS A 173 -9.11 9.18 -23.53
N ALA A 174 -9.90 10.25 -23.74
CA ALA A 174 -9.54 11.35 -24.62
C ALA A 174 -8.35 12.06 -23.96
N ASN A 175 -8.49 12.27 -22.66
CA ASN A 175 -7.31 12.73 -21.84
C ASN A 175 -6.09 11.85 -21.94
N VAL A 176 -6.23 10.56 -21.62
CA VAL A 176 -5.12 9.64 -21.74
C VAL A 176 -4.51 9.69 -23.14
N GLU A 177 -5.34 9.72 -24.17
CA GLU A 177 -4.82 9.70 -25.55
C GLU A 177 -4.29 11.03 -26.14
N SER A 178 -4.39 12.10 -25.37
CA SER A 178 -3.75 13.36 -25.74
C SER A 178 -2.21 13.26 -25.66
N GLY A 179 -1.67 12.21 -25.04
CA GLY A 179 -0.20 11.97 -25.03
C GLY A 179 0.49 11.84 -23.67
N LYS A 180 1.82 11.89 -23.68
CA LYS A 180 2.60 11.70 -22.42
C LYS A 180 2.54 12.86 -21.38
N GLU A 181 2.07 14.07 -21.71
CA GLU A 181 1.95 15.12 -20.70
C GLU A 181 0.56 15.20 -20.10
N TRP A 182 -0.22 14.14 -20.25
CA TRP A 182 -1.63 14.19 -19.81
C TRP A 182 -1.77 14.32 -18.34
N THR A 183 -0.79 13.86 -17.57
CA THR A 183 -0.83 14.02 -16.11
C THR A 183 -0.19 15.30 -15.55
N LYS A 184 0.23 16.21 -16.41
CA LYS A 184 0.71 17.52 -15.96
C LYS A 184 -0.39 18.42 -15.43
N PRO A 185 -0.05 19.29 -14.46
CA PRO A 185 -0.96 20.35 -14.02
C PRO A 185 -1.61 21.07 -15.23
N GLY A 186 -2.93 21.24 -15.22
CA GLY A 186 -3.64 21.86 -16.31
C GLY A 186 -3.99 20.86 -17.41
N ASN A 187 -3.41 19.66 -17.43
CA ASN A 187 -3.75 18.68 -18.44
C ASN A 187 -4.58 17.54 -17.84
N LEU A 188 -4.30 17.19 -16.57
CA LEU A 188 -4.87 16.02 -15.93
C LEU A 188 -6.36 16.19 -15.60
N ILE A 189 -7.21 15.35 -16.19
CA ILE A 189 -8.65 15.39 -16.01
C ILE A 189 -9.06 14.10 -15.38
N GLY A 190 -9.40 14.19 -14.12
CA GLY A 190 -10.00 13.10 -13.34
C GLY A 190 -11.37 13.45 -12.82
N ASN A 191 -11.92 12.55 -12.02
CA ASN A 191 -13.34 12.62 -11.63
C ASN A 191 -13.49 12.71 -10.15
N GLY A 192 -12.40 13.02 -9.45
CA GLY A 192 -12.48 13.14 -8.02
C GLY A 192 -12.91 14.56 -7.64
N ALA A 193 -12.85 14.84 -6.32
CA ALA A 193 -13.29 16.14 -5.76
C ALA A 193 -12.37 17.34 -6.06
N TYR A 194 -11.14 17.05 -6.51
CA TYR A 194 -10.15 18.03 -6.80
C TYR A 194 -9.52 17.86 -8.15
N VAL A 195 -8.86 18.91 -8.59
CA VAL A 195 -8.16 18.96 -9.83
C VAL A 195 -6.75 19.51 -9.56
N LEU A 196 -5.75 18.94 -10.27
CA LEU A 196 -4.36 19.33 -10.19
C LEU A 196 -4.14 20.74 -10.79
N LYS A 197 -3.75 21.69 -9.95
CA LYS A 197 -3.60 23.09 -10.34
C LYS A 197 -2.14 23.42 -10.63
N GLU A 198 -1.25 22.95 -9.76
CA GLU A 198 0.15 23.27 -9.84
C GLU A 198 0.96 22.12 -9.29
N ARG A 199 2.14 21.90 -9.88
CA ARG A 199 3.15 21.03 -9.34
C ARG A 199 4.58 21.47 -9.58
N VAL A 200 5.43 21.45 -8.55
CA VAL A 200 6.86 21.51 -8.78
C VAL A 200 7.52 20.24 -8.25
N VAL A 201 8.23 19.51 -9.12
CA VAL A 201 8.88 18.24 -8.70
C VAL A 201 9.71 18.39 -7.41
N ASN A 202 9.57 17.43 -6.52
CA ASN A 202 10.21 17.43 -5.20
C ASN A 202 9.78 18.52 -4.22
N GLU A 203 8.79 19.36 -4.55
CA GLU A 203 8.47 20.44 -3.61
C GLU A 203 7.03 20.52 -3.23
N LYS A 204 6.15 20.53 -4.24
CA LYS A 204 4.76 20.65 -3.96
C LYS A 204 3.82 20.29 -5.11
N LEU A 205 2.63 19.86 -4.68
CA LEU A 205 1.53 19.55 -5.58
C LEU A 205 0.36 20.30 -4.98
N VAL A 206 -0.36 21.06 -5.79
CA VAL A 206 -1.46 21.86 -5.30
C VAL A 206 -2.72 21.51 -6.12
N VAL A 207 -3.82 21.33 -5.40
CA VAL A 207 -5.07 20.92 -5.95
C VAL A 207 -6.16 21.78 -5.40
N VAL A 208 -7.12 22.05 -6.26
CA VAL A 208 -8.29 22.79 -5.94
C VAL A 208 -9.50 22.03 -6.43
N PRO A 209 -10.69 22.48 -6.06
CA PRO A 209 -11.81 21.63 -6.32
C PRO A 209 -12.16 21.52 -7.76
N ASN A 210 -12.60 20.30 -8.14
CA ASN A 210 -13.32 20.03 -9.37
C ASN A 210 -14.76 20.50 -9.14
N THR A 211 -15.14 21.61 -9.74
CA THR A 211 -16.48 22.15 -9.50
C THR A 211 -17.53 21.27 -10.14
N HIS A 212 -17.12 20.35 -10.97
CA HIS A 212 -18.08 19.43 -11.60
C HIS A 212 -18.29 18.16 -10.83
N TYR A 213 -17.48 17.91 -9.80
CA TYR A 213 -17.61 16.72 -8.94
C TYR A 213 -19.02 16.70 -8.38
N TRP A 214 -19.70 15.55 -8.52
CA TRP A 214 -21.09 15.39 -8.09
C TRP A 214 -21.38 15.85 -6.71
N ASP A 215 -20.46 15.66 -5.79
CA ASP A 215 -20.76 16.02 -4.40
C ASP A 215 -19.97 17.34 -4.04
N ASN A 216 -19.61 18.14 -5.03
CA ASN A 216 -18.87 19.37 -4.78
C ASN A 216 -19.52 20.30 -3.70
N ALA A 217 -20.86 20.29 -3.61
CA ALA A 217 -21.62 21.09 -2.56
C ALA A 217 -21.08 20.89 -1.17
N LYS A 218 -20.52 19.70 -0.93
CA LYS A 218 -19.97 19.33 0.37
C LYS A 218 -18.50 19.49 0.53
N THR A 219 -17.76 19.67 -0.55
CA THR A 219 -16.32 19.89 -0.43
C THR A 219 -16.05 21.25 0.30
N VAL A 220 -15.15 21.30 1.28
CA VAL A 220 -14.89 22.58 1.99
C VAL A 220 -13.58 23.20 1.62
N LEU A 221 -12.54 22.41 1.69
CA LEU A 221 -11.22 22.88 1.37
C LEU A 221 -11.11 23.31 -0.08
N GLN A 222 -10.74 24.60 -0.29
CA GLN A 222 -10.61 25.24 -1.60
C GLN A 222 -9.22 25.13 -2.16
N LYS A 223 -8.27 24.76 -1.31
CA LYS A 223 -6.91 24.45 -1.77
C LYS A 223 -6.28 23.46 -0.82
N VAL A 224 -5.53 22.51 -1.37
CA VAL A 224 -4.75 21.57 -0.54
C VAL A 224 -3.39 21.46 -1.22
N THR A 225 -2.33 21.72 -0.43
CA THR A 225 -0.99 21.61 -0.90
C THR A 225 -0.35 20.40 -0.27
N PHE A 226 0.17 19.48 -1.09
CA PHE A 226 0.89 18.35 -0.58
C PHE A 226 2.36 18.66 -0.63
N LEU A 227 3.05 18.46 0.47
CA LEU A 227 4.47 18.76 0.55
C LEU A 227 5.23 17.51 0.82
N PRO A 228 5.95 16.97 -0.16
CA PRO A 228 6.80 15.80 0.06
C PRO A 228 8.06 16.17 0.77
N ILE A 229 8.35 15.51 1.89
CA ILE A 229 9.57 15.67 2.68
C ILE A 229 9.91 14.33 3.33
N ASN A 230 10.97 13.67 2.87
CA ASN A 230 11.31 12.32 3.31
C ASN A 230 12.25 12.26 4.49
N GLN A 231 12.60 13.41 5.05
CA GLN A 231 13.35 13.48 6.30
C GLN A 231 12.40 13.88 7.41
N GLU A 232 11.95 12.90 8.19
CA GLU A 232 10.86 13.08 9.12
C GLU A 232 11.12 14.29 10.06
N SER A 233 12.35 14.44 10.57
CA SER A 233 12.70 15.64 11.36
C SER A 233 12.36 16.95 10.74
N ALA A 234 12.64 17.09 9.44
CA ALA A 234 12.35 18.36 8.75
C ALA A 234 10.84 18.61 8.66
N ALA A 235 10.07 17.57 8.29
CA ALA A 235 8.60 17.65 8.37
C ALA A 235 8.03 17.99 9.73
N THR A 236 8.44 17.31 10.78
CA THR A 236 7.85 17.64 12.13
C THR A 236 8.24 19.09 12.52
N LYS A 237 9.42 19.53 12.10
CA LYS A 237 9.92 20.86 12.45
C LYS A 237 8.98 21.92 11.82
N ARG A 238 8.61 21.70 10.55
CA ARG A 238 7.70 22.58 9.84
C ARG A 238 6.30 22.50 10.44
N TYR A 239 5.89 21.31 10.88
CA TYR A 239 4.60 21.19 11.59
C TYR A 239 4.61 22.06 12.85
N LEU A 240 5.66 21.96 13.65
CA LEU A 240 5.72 22.71 14.93
C LEU A 240 5.80 24.22 14.70
N ALA A 241 6.44 24.63 13.61
CA ALA A 241 6.49 26.00 13.12
C ALA A 241 5.19 26.52 12.56
N GLY A 242 4.25 25.64 12.20
CA GLY A 242 2.97 26.12 11.69
C GLY A 242 2.82 26.19 10.20
N ASP A 243 3.78 25.63 9.47
CA ASP A 243 3.72 25.53 8.01
C ASP A 243 2.96 24.28 7.47
N ILE A 244 2.80 23.26 8.30
CA ILE A 244 2.18 21.99 7.90
C ILE A 244 1.05 21.72 8.91
N ASP A 245 -0.13 21.39 8.39
CA ASP A 245 -1.28 21.08 9.23
C ASP A 245 -1.40 19.63 9.60
N ILE A 246 -0.80 18.72 8.82
CA ILE A 246 -0.88 17.27 9.14
C ILE A 246 0.34 16.58 8.57
N THR A 247 1.00 15.73 9.34
CA THR A 247 2.13 14.98 8.85
C THR A 247 1.77 13.53 8.55
N GLU A 248 2.64 12.88 7.79
CA GLU A 248 2.74 11.44 7.72
C GLU A 248 3.95 10.98 8.47
N SER A 249 3.71 10.31 9.60
CA SER A 249 4.73 9.87 10.52
C SER A 249 5.41 11.10 11.17
N PHE A 250 6.47 10.80 11.95
CA PHE A 250 7.23 11.76 12.76
C PHE A 250 8.43 11.02 13.34
N PRO A 251 9.46 11.74 13.80
CA PRO A 251 10.65 10.97 14.27
C PRO A 251 10.34 10.16 15.52
N LYS A 252 10.73 8.91 15.54
CA LYS A 252 10.35 8.00 16.62
C LYS A 252 10.93 8.44 17.97
N ASN A 253 12.17 8.85 17.90
CA ASN A 253 12.89 9.43 19.06
C ASN A 253 12.29 10.73 19.58
N MET A 254 11.25 11.33 18.94
CA MET A 254 10.60 12.53 19.52
C MET A 254 9.28 12.24 20.19
N TYR A 255 8.96 10.96 20.29
CA TYR A 255 7.61 10.58 20.59
C TYR A 255 7.16 11.08 21.96
N GLN A 256 7.97 10.79 22.98
CA GLN A 256 7.61 11.21 24.38
C GLN A 256 7.54 12.73 24.52
N LYS A 257 8.49 13.41 23.94
CA LYS A 257 8.51 14.89 23.91
C LYS A 257 7.26 15.44 23.19
N LEU A 258 6.84 14.76 22.12
CA LEU A 258 5.61 15.19 21.40
C LEU A 258 4.39 14.96 22.24
N LEU A 259 4.32 13.79 22.87
CA LEU A 259 3.20 13.49 23.76
C LEU A 259 3.10 14.56 24.85
N LYS A 260 4.27 14.94 25.34
CA LYS A 260 4.46 15.96 26.37
C LYS A 260 4.04 17.37 25.89
N ASP A 261 4.52 17.82 24.74
CA ASP A 261 4.26 19.21 24.34
C ASP A 261 2.93 19.43 23.61
N ILE A 262 2.48 18.43 22.86
CA ILE A 262 1.28 18.60 22.08
C ILE A 262 0.46 17.35 22.24
N PRO A 263 0.07 17.10 23.48
CA PRO A 263 -0.83 15.97 23.66
C PRO A 263 -2.12 16.32 22.90
N GLY A 264 -2.82 15.29 22.43
CA GLY A 264 -4.03 15.49 21.61
C GLY A 264 -3.74 15.58 20.12
N GLN A 265 -2.51 15.88 19.72
CA GLN A 265 -2.19 16.00 18.32
C GLN A 265 -1.41 14.83 17.74
N VAL A 266 -1.02 13.93 18.64
CA VAL A 266 -0.20 12.78 18.33
C VAL A 266 -1.14 11.55 18.24
N TYR A 267 -1.07 10.83 17.13
CA TYR A 267 -1.98 9.65 16.86
C TYR A 267 -1.17 8.52 16.37
N THR A 268 -1.44 7.35 16.94
CA THR A 268 -0.70 6.18 16.56
C THR A 268 -1.61 4.95 16.55
N PRO A 269 -2.81 5.01 15.92
CA PRO A 269 -3.60 3.81 15.83
C PRO A 269 -3.00 2.69 14.94
N PRO A 270 -3.43 1.46 15.16
CA PRO A 270 -2.97 0.27 14.38
C PRO A 270 -3.37 0.35 12.89
N GLN A 271 -2.46 0.09 11.97
CA GLN A 271 -2.76 0.23 10.54
C GLN A 271 -2.64 -1.13 9.89
N LEU A 272 -3.38 -1.33 8.82
CA LEU A 272 -3.30 -2.56 8.04
C LEU A 272 -2.07 -2.57 7.10
N GLY A 273 -0.90 -2.81 7.68
CA GLY A 273 0.32 -2.88 6.91
C GLY A 273 1.46 -3.50 7.68
N THR A 274 2.43 -3.99 6.93
CA THR A 274 3.51 -4.72 7.50
C THR A 274 4.85 -4.30 6.87
N TYR A 275 5.86 -4.09 7.72
CA TYR A 275 7.19 -3.71 7.29
C TYR A 275 8.00 -4.98 7.20
N TYR A 276 8.83 -5.15 6.17
CA TYR A 276 9.51 -6.37 5.96
C TYR A 276 10.74 -6.17 5.11
N TYR A 277 11.62 -7.15 5.16
CA TYR A 277 12.79 -7.21 4.32
C TYR A 277 12.61 -8.40 3.36
N ALA A 278 12.96 -8.18 2.11
CA ALA A 278 12.79 -9.16 1.03
C ALA A 278 14.17 -9.67 0.73
N PHE A 279 14.29 -11.02 0.65
CA PHE A 279 15.51 -11.67 0.27
C PHE A 279 15.45 -12.08 -1.17
N ASN A 280 16.57 -12.04 -1.89
CA ASN A 280 16.59 -12.58 -3.27
C ASN A 280 16.60 -14.12 -3.29
N THR A 281 15.43 -14.74 -3.46
CA THR A 281 15.37 -16.21 -3.42
C THR A 281 15.97 -16.82 -4.67
N GLN A 282 16.29 -15.99 -5.66
CA GLN A 282 16.72 -16.51 -6.94
C GLN A 282 18.25 -16.63 -7.15
N LYS A 283 19.05 -15.85 -6.43
CA LYS A 283 20.52 -15.88 -6.57
C LYS A 283 21.24 -15.13 -5.46
N GLY A 284 22.54 -15.35 -5.37
CA GLY A 284 23.35 -14.83 -4.27
C GLY A 284 23.14 -15.75 -3.10
N PRO A 285 23.75 -15.44 -1.97
CA PRO A 285 23.68 -16.33 -0.80
C PRO A 285 22.27 -16.54 -0.27
N THR A 286 21.40 -15.56 -0.55
CA THR A 286 20.03 -15.53 -0.03
C THR A 286 19.13 -16.53 -0.75
N ALA A 287 19.66 -17.16 -1.80
CA ALA A 287 18.97 -18.25 -2.50
C ALA A 287 18.91 -19.49 -1.61
N ASP A 288 19.87 -19.64 -0.69
CA ASP A 288 19.80 -20.73 0.29
C ASP A 288 18.80 -20.48 1.42
N GLN A 289 17.73 -21.29 1.53
CA GLN A 289 16.76 -21.16 2.63
C GLN A 289 17.40 -20.98 4.03
N ARG A 290 18.58 -21.58 4.25
CA ARG A 290 19.20 -21.52 5.57
C ARG A 290 19.78 -20.16 5.84
N VAL A 291 20.42 -19.56 4.89
CA VAL A 291 20.84 -18.14 5.04
C VAL A 291 19.68 -17.21 5.41
N ARG A 292 18.57 -17.37 4.69
CA ARG A 292 17.38 -16.53 4.89
C ARG A 292 16.80 -16.73 6.24
N LEU A 293 16.71 -17.98 6.67
CA LEU A 293 16.11 -18.24 7.98
C LEU A 293 17.02 -17.68 9.10
N ALA A 294 18.33 -17.84 8.94
CA ALA A 294 19.29 -17.32 9.94
C ALA A 294 19.13 -15.79 10.09
N LEU A 295 19.09 -15.12 8.93
CA LEU A 295 18.86 -13.65 8.90
C LEU A 295 17.56 -13.24 9.58
N SER A 296 16.49 -13.94 9.28
CA SER A 296 15.20 -13.56 9.83
C SER A 296 15.07 -13.85 11.32
N MET A 297 15.60 -15.00 11.71
CA MET A 297 15.61 -15.36 13.15
C MET A 297 16.44 -14.38 13.97
N THR A 298 17.51 -13.88 13.41
CA THR A 298 18.42 -13.03 14.14
C THR A 298 17.91 -11.59 14.33
N ILE A 299 16.87 -11.16 13.59
CA ILE A 299 16.24 -9.89 13.87
C ILE A 299 15.45 -10.00 15.14
N ASP A 300 15.71 -9.11 16.09
CA ASP A 300 15.05 -9.15 17.37
C ASP A 300 13.93 -8.15 17.27
N ARG A 301 12.73 -8.71 17.05
CA ARG A 301 11.54 -7.93 16.75
C ARG A 301 11.03 -7.19 17.96
N ARG A 302 11.06 -7.78 19.14
CA ARG A 302 10.57 -7.02 20.32
C ARG A 302 11.56 -5.86 20.66
N LEU A 303 12.86 -6.11 20.47
CA LEU A 303 13.89 -5.02 20.65
C LEU A 303 13.59 -3.87 19.67
N MET A 304 13.27 -4.23 18.44
CA MET A 304 12.96 -3.22 17.41
C MET A 304 11.76 -2.41 17.76
N THR A 305 10.65 -3.09 18.10
CA THR A 305 9.41 -2.38 18.37
C THR A 305 9.45 -1.62 19.72
N GLU A 306 10.13 -2.19 20.70
CA GLU A 306 10.34 -1.51 22.00
C GLU A 306 11.28 -0.29 21.99
N LYS A 307 12.47 -0.42 21.40
CA LYS A 307 13.54 0.56 21.53
C LYS A 307 13.76 1.38 20.25
N VAL A 308 13.72 0.75 19.09
CA VAL A 308 14.01 1.49 17.89
C VAL A 308 12.76 2.21 17.38
N LEU A 309 11.56 1.68 17.66
CA LEU A 309 10.35 2.29 17.18
C LEU A 309 9.57 2.93 18.30
N GLY A 310 8.82 2.17 19.09
CA GLY A 310 8.16 2.70 20.26
C GLY A 310 7.03 3.69 20.06
N THR A 311 6.44 3.70 18.86
CA THR A 311 5.24 4.50 18.61
C THR A 311 4.06 3.54 18.36
N GLY A 312 4.07 2.44 19.09
CA GLY A 312 2.95 1.51 19.14
C GLY A 312 3.02 0.33 18.15
N GLU A 313 4.07 0.28 17.31
CA GLU A 313 4.27 -0.81 16.36
C GLU A 313 4.37 -2.14 17.09
N LYS A 314 3.88 -3.25 16.45
CA LYS A 314 4.00 -4.60 17.01
C LYS A 314 4.92 -5.48 16.18
N PRO A 315 5.61 -6.45 16.81
CA PRO A 315 6.37 -7.43 16.10
C PRO A 315 5.50 -8.09 15.02
N ALA A 316 6.10 -8.45 13.89
CA ALA A 316 5.42 -9.15 12.83
C ALA A 316 6.03 -10.57 12.87
N TRP A 317 5.33 -11.49 13.53
CA TRP A 317 5.66 -12.93 13.51
C TRP A 317 5.01 -13.62 12.29
N HIS A 318 3.87 -13.12 11.85
CA HIS A 318 3.34 -13.52 10.59
C HIS A 318 3.24 -12.31 9.67
N PHE A 319 3.07 -12.57 8.38
CA PHE A 319 3.04 -11.47 7.39
C PHE A 319 1.75 -10.62 7.48
N THR A 320 0.63 -11.28 7.62
CA THR A 320 -0.68 -10.64 7.67
C THR A 320 -0.75 -10.00 9.04
N PRO A 321 -1.18 -8.73 9.11
CA PRO A 321 -1.48 -8.05 10.37
C PRO A 321 -2.62 -8.65 11.20
N ASP A 322 -2.44 -8.63 12.52
CA ASP A 322 -3.49 -9.09 13.47
C ASP A 322 -4.81 -8.39 13.24
N VAL A 323 -4.75 -7.10 12.91
CA VAL A 323 -5.96 -6.36 12.78
C VAL A 323 -6.82 -6.74 11.56
N THR A 324 -6.28 -7.54 10.64
CA THR A 324 -6.95 -7.88 9.40
C THR A 324 -8.26 -8.65 9.61
N ALA A 325 -9.35 -8.13 9.10
CA ALA A 325 -10.64 -8.76 9.26
C ALA A 325 -10.51 -10.23 8.69
N GLY A 326 -11.13 -11.20 9.36
CA GLY A 326 -11.13 -12.60 8.91
C GLY A 326 -9.91 -13.46 9.24
N PHE A 327 -9.01 -12.96 10.08
CA PHE A 327 -7.75 -13.62 10.26
C PHE A 327 -7.58 -14.10 11.66
N THR A 328 -7.43 -15.42 11.84
CA THR A 328 -7.06 -15.97 13.16
C THR A 328 -5.83 -16.80 13.00
N PRO A 329 -4.69 -16.21 13.29
CA PRO A 329 -3.47 -16.91 13.06
C PRO A 329 -3.27 -18.00 14.07
N GLU A 330 -2.51 -18.99 13.65
CA GLU A 330 -1.90 -19.94 14.54
C GLU A 330 -0.59 -19.38 15.07
N PRO A 331 -0.22 -19.86 16.27
CA PRO A 331 0.88 -19.19 16.93
C PRO A 331 2.11 -19.50 16.11
N SER A 332 3.09 -18.58 16.09
CA SER A 332 4.35 -18.92 15.46
C SER A 332 5.27 -19.57 16.49
N PRO A 333 6.09 -20.54 16.05
CA PRO A 333 7.07 -21.08 16.98
C PRO A 333 8.25 -20.08 17.25
N PHE A 334 8.38 -19.00 16.47
CA PHE A 334 9.39 -18.00 16.77
C PHE A 334 8.92 -17.07 17.86
N GLU A 335 7.63 -16.82 17.91
CA GLU A 335 7.09 -15.93 18.92
C GLU A 335 7.32 -16.50 20.32
N GLN A 336 7.35 -17.82 20.44
CA GLN A 336 7.46 -18.47 21.75
C GLN A 336 8.93 -18.70 22.15
N MET A 337 9.87 -18.71 21.21
CA MET A 337 11.29 -18.82 21.58
C MET A 337 11.89 -17.49 22.13
N SER A 338 13.03 -17.58 22.81
CA SER A 338 13.77 -16.42 23.31
C SER A 338 14.66 -16.07 22.18
N GLN A 339 15.20 -14.84 22.20
CA GLN A 339 16.14 -14.42 21.18
C GLN A 339 17.43 -15.20 21.23
N GLU A 340 17.75 -15.65 22.43
CA GLU A 340 18.97 -16.42 22.62
C GLU A 340 18.81 -17.69 21.84
N GLU A 341 17.72 -18.39 22.06
CA GLU A 341 17.48 -19.65 21.31
C GLU A 341 17.53 -19.35 19.81
N LEU A 342 16.81 -18.28 19.42
CA LEU A 342 16.71 -17.91 18.01
C LEU A 342 18.10 -17.64 17.47
N ASN A 343 18.87 -16.85 18.21
CA ASN A 343 20.25 -16.53 17.73
C ASN A 343 21.13 -17.75 17.58
N ALA A 344 21.00 -18.71 18.50
CA ALA A 344 21.84 -19.94 18.40
C ALA A 344 21.41 -20.82 17.21
N GLN A 345 20.11 -21.01 16.98
CA GLN A 345 19.71 -21.79 15.79
C GLN A 345 20.18 -21.12 14.50
N ALA A 346 20.12 -19.78 14.52
CA ALA A 346 20.52 -19.01 13.36
C ALA A 346 22.00 -19.29 13.04
N LYS A 347 22.86 -19.28 14.06
CA LYS A 347 24.31 -19.64 13.88
C LYS A 347 24.49 -21.03 13.27
N THR A 348 23.75 -21.99 13.82
CA THR A 348 23.82 -23.35 13.29
C THR A 348 23.44 -23.29 11.82
N LEU A 349 22.40 -22.51 11.48
CA LEU A 349 21.89 -22.63 10.11
C LEU A 349 22.91 -22.04 9.20
N LEU A 350 23.49 -20.91 9.59
CA LEU A 350 24.44 -20.22 8.70
C LEU A 350 25.70 -21.03 8.45
N SER A 351 26.17 -21.77 9.46
CA SER A 351 27.36 -22.64 9.30
C SER A 351 27.02 -23.77 8.39
N ALA A 352 25.84 -24.35 8.55
CA ALA A 352 25.41 -25.38 7.63
C ALA A 352 25.38 -24.78 6.22
N ALA A 353 24.92 -23.52 6.06
CA ALA A 353 25.01 -22.87 4.72
C ALA A 353 26.44 -22.72 4.24
N GLY A 354 27.40 -22.76 5.18
CA GLY A 354 28.83 -22.64 4.85
C GLY A 354 29.45 -21.26 5.00
N TYR A 355 28.96 -20.48 5.97
CA TYR A 355 29.52 -19.16 6.28
C TYR A 355 29.90 -19.04 7.75
N GLY A 356 30.96 -18.27 7.98
CA GLY A 356 31.59 -18.11 9.29
C GLY A 356 32.93 -17.43 9.05
N PRO A 357 33.88 -17.57 9.99
CA PRO A 357 35.21 -17.04 9.65
C PRO A 357 35.79 -17.61 8.33
N GLN A 358 35.46 -18.85 8.00
CA GLN A 358 35.99 -19.52 6.78
C GLN A 358 35.55 -18.91 5.43
N LYS A 359 34.47 -18.10 5.45
CA LYS A 359 33.82 -17.53 4.26
C LYS A 359 32.74 -16.60 4.83
N PRO A 360 33.11 -15.36 5.16
CA PRO A 360 32.16 -14.49 5.85
C PRO A 360 31.05 -14.05 4.87
N LEU A 361 29.85 -13.75 5.38
CA LEU A 361 28.73 -13.39 4.53
C LEU A 361 28.69 -11.89 4.31
N LYS A 362 28.79 -11.49 3.06
CA LYS A 362 28.62 -10.10 2.68
C LYS A 362 27.31 -9.93 1.90
N LEU A 363 26.50 -8.96 2.33
CA LEU A 363 25.23 -8.62 1.74
C LEU A 363 25.09 -7.15 1.32
N THR A 364 24.32 -6.92 0.27
CA THR A 364 23.86 -5.58 -0.12
C THR A 364 22.40 -5.42 0.33
N LEU A 365 22.04 -4.23 0.78
CA LEU A 365 20.70 -3.87 1.17
C LEU A 365 20.29 -2.55 0.63
N LEU A 366 19.14 -2.52 -0.02
CA LEU A 366 18.53 -1.29 -0.48
C LEU A 366 17.38 -0.89 0.42
N TYR A 367 17.27 0.41 0.70
CA TYR A 367 16.08 0.92 1.36
C TYR A 367 15.82 2.24 0.71
N ASN A 368 14.60 2.77 0.88
CA ASN A 368 14.25 4.06 0.33
C ASN A 368 14.52 5.09 1.39
N THR A 369 15.04 6.24 0.99
CA THR A 369 15.38 7.38 1.89
C THR A 369 14.35 7.75 2.92
N SER A 370 14.82 7.72 4.16
CA SER A 370 14.03 7.90 5.36
C SER A 370 14.91 7.73 6.60
N GLU A 371 14.68 8.57 7.61
CA GLU A 371 15.42 8.40 8.90
C GLU A 371 15.08 7.07 9.59
N ASN A 372 13.78 6.75 9.63
CA ASN A 372 13.32 5.50 10.22
C ASN A 372 13.99 4.31 9.51
N HIS A 373 13.95 4.25 8.18
CA HIS A 373 14.53 3.11 7.47
C HIS A 373 16.02 2.99 7.60
N GLN A 374 16.66 4.15 7.68
CA GLN A 374 18.07 4.18 7.99
C GLN A 374 18.35 3.68 9.43
N LYS A 375 17.61 4.11 10.44
CA LYS A 375 17.82 3.59 11.78
C LYS A 375 17.56 2.08 11.88
N ILE A 376 16.47 1.64 11.23
CA ILE A 376 16.14 0.19 11.26
C ILE A 376 17.23 -0.58 10.54
N ALA A 377 17.69 -0.08 9.37
CA ALA A 377 18.81 -0.78 8.65
C ALA A 377 20.09 -0.88 9.50
N ILE A 378 20.46 0.22 10.17
CA ILE A 378 21.66 0.21 11.01
C ILE A 378 21.48 -0.87 12.06
N ALA A 379 20.33 -0.91 12.73
CA ALA A 379 20.07 -1.87 13.78
C ALA A 379 19.99 -3.32 13.31
N VAL A 380 19.23 -3.59 12.26
CA VAL A 380 19.33 -4.93 11.68
C VAL A 380 20.74 -5.29 11.35
N ALA A 381 21.48 -4.40 10.70
CA ALA A 381 22.85 -4.77 10.32
C ALA A 381 23.71 -5.09 11.59
N SER A 382 23.44 -4.39 12.68
CA SER A 382 24.13 -4.64 13.94
C SER A 382 23.79 -6.02 14.52
N MET A 383 22.49 -6.35 14.53
CA MET A 383 22.04 -7.68 14.99
C MET A 383 22.76 -8.76 14.21
N TRP A 384 22.91 -8.59 12.89
CA TRP A 384 23.56 -9.62 12.08
C TRP A 384 25.09 -9.70 12.22
N LYS A 385 25.72 -8.55 12.29
CA LYS A 385 27.14 -8.49 12.51
C LYS A 385 27.46 -9.25 13.76
N LYS A 386 26.78 -8.86 14.83
CA LYS A 386 27.06 -9.30 16.15
C LYS A 386 26.76 -10.78 16.32
N ASN A 387 25.58 -11.24 15.87
CA ASN A 387 25.22 -12.67 16.06
C ASN A 387 25.78 -13.63 15.06
N LEU A 388 26.03 -13.17 13.84
CA LEU A 388 26.41 -14.03 12.70
C LEU A 388 27.63 -13.56 11.95
N GLY A 389 28.18 -12.40 12.30
CA GLY A 389 29.40 -11.99 11.62
C GLY A 389 29.12 -11.58 10.18
N VAL A 390 27.90 -11.16 9.90
CA VAL A 390 27.60 -10.64 8.57
C VAL A 390 27.90 -9.14 8.44
N ASP A 391 28.46 -8.78 7.28
CA ASP A 391 28.58 -7.37 6.89
C ASP A 391 27.57 -7.02 5.78
N VAL A 392 26.94 -5.87 5.92
CA VAL A 392 25.99 -5.33 4.98
C VAL A 392 26.43 -3.98 4.47
N LYS A 393 26.46 -3.83 3.15
CA LYS A 393 26.67 -2.57 2.49
C LYS A 393 25.25 -1.98 2.28
N LEU A 394 25.02 -0.82 2.86
CA LEU A 394 23.74 -0.12 2.81
C LEU A 394 23.65 0.74 1.58
N GLN A 395 22.47 0.85 0.98
CA GLN A 395 22.22 1.91 -0.03
C GLN A 395 20.86 2.49 0.16
N ASN A 396 20.73 3.80 -0.01
CA ASN A 396 19.43 4.43 0.03
C ASN A 396 19.12 5.16 -1.25
N GLN A 397 17.87 5.18 -1.63
CA GLN A 397 17.46 5.82 -2.91
C GLN A 397 16.09 6.39 -2.64
N GLU A 398 15.75 7.48 -3.29
CA GLU A 398 14.43 8.04 -3.08
C GLU A 398 13.35 7.12 -3.72
N TRP A 399 12.15 7.18 -3.15
CA TRP A 399 11.04 6.35 -3.42
C TRP A 399 10.94 6.07 -4.93
N LYS A 400 10.86 7.12 -5.71
CA LYS A 400 10.58 6.98 -7.12
C LYS A 400 11.63 6.16 -7.88
N THR A 401 12.89 6.22 -7.43
CA THR A 401 13.99 5.48 -8.00
C THR A 401 14.06 4.07 -7.38
N TYR A 402 13.89 4.01 -6.06
CA TYR A 402 13.81 2.70 -5.34
C TYR A 402 12.82 1.74 -6.01
N ILE A 403 11.64 2.25 -6.37
CA ILE A 403 10.60 1.33 -6.90
C ILE A 403 11.04 0.57 -8.19
N ASP A 404 11.91 1.15 -9.01
CA ASP A 404 12.50 0.42 -10.15
C ASP A 404 13.80 -0.38 -9.84
N SER A 405 14.72 0.20 -9.08
CA SER A 405 15.94 -0.49 -8.68
C SER A 405 15.70 -1.81 -8.00
N ARG A 406 14.63 -1.87 -7.20
CA ARG A 406 14.31 -3.08 -6.45
C ARG A 406 13.83 -4.30 -7.31
N ASN A 407 13.32 -4.05 -8.51
CA ASN A 407 12.84 -5.10 -9.42
C ASN A 407 13.98 -5.56 -10.37
N THR A 408 15.21 -5.20 -10.06
CA THR A 408 16.31 -5.41 -10.94
C THR A 408 17.10 -6.70 -10.62
N GLY A 409 16.86 -7.34 -9.48
CA GLY A 409 17.52 -8.63 -9.13
C GLY A 409 18.92 -8.43 -8.60
N ASN A 410 19.19 -7.20 -8.23
CA ASN A 410 20.49 -6.69 -7.94
C ASN A 410 20.86 -6.55 -6.44
N PHE A 411 19.91 -6.67 -5.53
CA PHE A 411 20.21 -6.50 -4.11
C PHE A 411 19.87 -7.75 -3.36
N ASP A 412 20.73 -8.16 -2.42
CA ASP A 412 20.42 -9.36 -1.65
C ASP A 412 19.26 -9.10 -0.68
N VAL A 413 19.15 -7.90 -0.15
CA VAL A 413 18.10 -7.62 0.81
C VAL A 413 17.47 -6.30 0.37
N ILE A 414 16.16 -6.24 0.41
CA ILE A 414 15.43 -5.02 0.02
C ILE A 414 14.40 -4.70 1.10
N ARG A 415 14.46 -3.50 1.67
CA ARG A 415 13.44 -3.02 2.57
CA ARG A 415 13.46 -3.03 2.57
C ARG A 415 12.15 -2.66 1.83
N ALA A 416 11.00 -2.95 2.47
CA ALA A 416 9.74 -2.66 1.85
C ALA A 416 8.66 -2.67 2.89
N SER A 417 7.51 -2.14 2.50
CA SER A 417 6.27 -2.43 3.15
C SER A 417 5.16 -2.84 2.19
N TRP A 418 4.08 -3.40 2.78
CA TRP A 418 2.80 -3.60 2.06
C TRP A 418 1.71 -3.19 2.99
N VAL A 419 0.86 -2.25 2.56
CA VAL A 419 -0.35 -1.91 3.19
C VAL A 419 -1.49 -2.54 2.29
N GLY A 420 -2.44 -3.16 2.95
CA GLY A 420 -3.51 -3.83 2.31
C GLY A 420 -4.36 -2.95 1.43
N ASP A 421 -4.69 -3.53 0.27
CA ASP A 421 -5.52 -2.86 -0.69
C ASP A 421 -6.96 -3.06 -0.32
N TYR A 422 -7.24 -3.92 0.63
CA TYR A 422 -8.58 -4.11 1.13
C TYR A 422 -8.44 -4.92 2.39
N ASN A 423 -9.50 -5.05 3.16
CA ASN A 423 -9.37 -5.60 4.49
C ASN A 423 -9.68 -7.10 4.56
N GLU A 424 -8.78 -7.93 4.03
CA GLU A 424 -8.94 -9.38 4.09
C GLU A 424 -7.55 -10.00 3.83
N PRO A 425 -7.27 -11.18 4.42
CA PRO A 425 -5.86 -11.59 4.33
C PRO A 425 -5.20 -11.80 2.97
N SER A 426 -5.99 -12.04 1.92
CA SER A 426 -5.42 -12.33 0.60
C SER A 426 -4.64 -11.18 0.04
N THR A 427 -4.91 -9.98 0.56
CA THR A 427 -4.20 -8.82 0.04
C THR A 427 -2.73 -8.94 0.36
N PHE A 428 -2.45 -9.49 1.54
CA PHE A 428 -1.07 -9.71 1.94
C PHE A 428 -0.46 -10.92 1.32
N LEU A 429 -1.12 -12.04 1.52
CA LEU A 429 -0.50 -13.31 1.22
C LEU A 429 -0.34 -13.56 -0.26
N THR A 430 -1.16 -12.93 -1.14
CA THR A 430 -0.93 -13.03 -2.56
C THR A 430 0.32 -12.32 -3.08
N LEU A 431 0.87 -11.40 -2.29
CA LEU A 431 2.09 -10.69 -2.71
C LEU A 431 3.28 -11.63 -3.01
N LEU A 432 3.29 -12.78 -2.35
CA LEU A 432 4.32 -13.82 -2.54
C LEU A 432 4.02 -14.96 -3.53
N THR A 433 2.91 -14.82 -4.26
CA THR A 433 2.58 -15.75 -5.31
C THR A 433 3.43 -15.43 -6.53
N SER A 434 3.61 -16.42 -7.38
CA SER A 434 4.47 -16.25 -8.54
C SER A 434 3.88 -15.36 -9.62
N THR A 435 2.59 -15.04 -9.55
CA THR A 435 2.00 -14.26 -10.63
C THR A 435 1.81 -12.81 -10.18
N HIS A 436 2.39 -12.44 -9.02
CA HIS A 436 2.20 -11.11 -8.46
C HIS A 436 3.42 -10.32 -8.73
N SER A 437 3.24 -9.21 -9.42
CA SER A 437 4.34 -8.34 -9.80
C SER A 437 5.08 -7.73 -8.67
N GLY A 438 4.42 -7.53 -7.55
CA GLY A 438 5.07 -6.87 -6.39
C GLY A 438 5.85 -7.84 -5.49
N ASN A 439 5.97 -9.09 -5.95
CA ASN A 439 6.77 -10.15 -5.31
C ASN A 439 8.26 -9.83 -5.34
N ILE A 440 8.73 -8.95 -4.46
CA ILE A 440 10.15 -8.49 -4.55
C ILE A 440 11.20 -9.65 -4.40
N SER A 441 10.91 -10.62 -3.53
CA SER A 441 11.84 -11.76 -3.33
C SER A 441 11.85 -12.77 -4.48
N ARG A 442 10.91 -12.65 -5.45
CA ARG A 442 10.75 -13.61 -6.57
C ARG A 442 10.56 -15.08 -6.12
N PHE A 443 9.91 -15.17 -4.98
CA PHE A 443 9.45 -16.42 -4.44
C PHE A 443 8.50 -17.08 -5.41
N ASN A 444 8.84 -18.31 -5.75
CA ASN A 444 8.18 -19.09 -6.82
C ASN A 444 7.96 -20.49 -6.30
N ASN A 445 6.90 -20.64 -5.53
CA ASN A 445 6.62 -21.89 -4.85
C ASN A 445 5.22 -22.39 -5.28
N PRO A 446 5.16 -23.45 -6.08
CA PRO A 446 3.91 -23.96 -6.56
C PRO A 446 2.96 -24.36 -5.42
N ALA A 447 3.42 -25.07 -4.40
CA ALA A 447 2.51 -25.34 -3.26
C ALA A 447 1.91 -24.03 -2.71
N TYR A 448 2.71 -22.97 -2.71
CA TYR A 448 2.29 -21.74 -2.03
C TYR A 448 1.18 -21.10 -2.86
N ASP A 449 1.45 -21.01 -4.14
CA ASP A 449 0.47 -20.49 -5.10
C ASP A 449 -0.81 -21.29 -5.04
N LYS A 450 -0.70 -22.62 -4.97
CA LYS A 450 -1.89 -23.46 -5.09
C LYS A 450 -2.72 -23.34 -3.81
N VAL A 451 -2.08 -23.14 -2.67
CA VAL A 451 -2.89 -23.10 -1.45
C VAL A 451 -3.75 -21.83 -1.39
N LEU A 452 -3.29 -20.76 -2.03
CA LEU A 452 -4.00 -19.45 -2.04
C LEU A 452 -5.07 -19.51 -3.09
N ALA A 453 -4.80 -20.20 -4.20
CA ALA A 453 -5.85 -20.43 -5.23
C ALA A 453 -7.00 -21.22 -4.61
N GLN A 454 -6.68 -22.18 -3.74
CA GLN A 454 -7.74 -22.94 -2.98
C GLN A 454 -8.49 -22.08 -2.02
N ALA A 455 -7.76 -21.26 -1.27
CA ALA A 455 -8.43 -20.39 -0.32
C ALA A 455 -9.48 -19.54 -1.04
N SER A 456 -9.13 -19.06 -2.23
CA SER A 456 -10.07 -18.26 -2.99
C SER A 456 -11.28 -19.03 -3.51
N THR A 457 -11.30 -20.37 -3.45
CA THR A 457 -12.51 -21.09 -3.81
C THR A 457 -13.32 -21.40 -2.58
N GLU A 458 -12.84 -21.04 -1.37
CA GLU A 458 -13.53 -21.52 -0.19
C GLU A 458 -14.67 -20.54 0.06
N ASN A 459 -15.71 -20.93 0.73
CA ASN A 459 -16.75 -19.92 0.97
C ASN A 459 -17.17 -19.73 2.41
N THR A 460 -16.34 -20.11 3.37
CA THR A 460 -16.51 -19.67 4.76
C THR A 460 -15.20 -18.98 5.23
N VAL A 461 -15.31 -18.11 6.22
CA VAL A 461 -14.14 -17.41 6.78
C VAL A 461 -13.16 -18.43 7.40
N LYS A 462 -13.71 -19.36 8.18
CA LYS A 462 -12.92 -20.44 8.80
C LYS A 462 -12.11 -21.22 7.80
N ALA A 463 -12.76 -21.64 6.70
CA ALA A 463 -12.06 -22.47 5.73
C ALA A 463 -11.03 -21.66 4.96
N ARG A 464 -11.31 -20.40 4.68
CA ARG A 464 -10.31 -19.59 4.03
C ARG A 464 -9.13 -19.44 4.97
N ASN A 465 -9.45 -19.14 6.21
CA ASN A 465 -8.41 -18.88 7.22
C ASN A 465 -7.48 -20.11 7.40
N ALA A 466 -8.00 -21.33 7.24
CA ALA A 466 -7.12 -22.52 7.34
C ALA A 466 -6.07 -22.54 6.26
N ASP A 467 -6.45 -22.11 5.06
CA ASP A 467 -5.48 -22.07 3.99
C ASP A 467 -4.53 -20.91 4.13
N TYR A 468 -5.03 -19.78 4.63
CA TYR A 468 -4.16 -18.64 4.82
C TYR A 468 -3.15 -19.02 5.90
N ASN A 469 -3.61 -19.71 6.93
CA ASN A 469 -2.59 -20.28 7.87
C ASN A 469 -1.59 -21.20 7.22
N ALA A 470 -1.99 -22.09 6.32
CA ALA A 470 -1.07 -22.96 5.65
C ALA A 470 -0.05 -22.15 4.83
N ALA A 471 -0.53 -21.08 4.18
CA ALA A 471 0.33 -20.19 3.41
C ALA A 471 1.38 -19.53 4.34
N GLU A 472 0.94 -19.00 5.46
CA GLU A 472 1.87 -18.33 6.41
C GLU A 472 2.97 -19.32 6.87
N LYS A 473 2.59 -20.59 7.05
CA LYS A 473 3.54 -21.65 7.41
C LYS A 473 4.61 -21.79 6.40
N ILE A 474 4.26 -21.75 5.11
CA ILE A 474 5.26 -21.86 4.09
C ILE A 474 6.20 -20.65 4.16
N LEU A 475 5.66 -19.44 4.46
CA LEU A 475 6.50 -18.24 4.52
C LEU A 475 7.47 -18.36 5.74
N MET A 476 7.02 -18.91 6.84
CA MET A 476 7.89 -19.20 8.00
C MET A 476 8.97 -20.17 7.65
N GLU A 477 8.64 -21.23 6.92
CA GLU A 477 9.57 -22.32 6.62
C GLU A 477 10.60 -21.82 5.64
N GLN A 478 10.15 -21.14 4.60
CA GLN A 478 11.07 -20.75 3.49
C GLN A 478 11.67 -19.34 3.68
N ALA A 479 11.11 -18.53 4.57
CA ALA A 479 11.61 -17.14 4.79
C ALA A 479 12.06 -16.41 3.52
N PRO A 480 11.21 -16.34 2.50
CA PRO A 480 11.62 -15.56 1.34
C PRO A 480 11.66 -14.05 1.70
N ILE A 481 10.84 -13.64 2.67
CA ILE A 481 10.84 -12.33 3.25
C ILE A 481 10.96 -12.45 4.76
N ALA A 482 11.44 -11.38 5.42
CA ALA A 482 11.44 -11.29 6.90
C ALA A 482 10.52 -10.20 7.39
N PRO A 483 9.33 -10.59 7.85
CA PRO A 483 8.48 -9.60 8.46
C PRO A 483 9.13 -9.09 9.72
N ILE A 484 8.96 -7.77 9.99
CA ILE A 484 9.66 -7.05 11.12
C ILE A 484 8.62 -6.44 12.05
N TYR A 485 7.78 -5.55 11.50
CA TYR A 485 6.70 -4.97 12.27
C TYR A 485 5.37 -4.66 11.59
N GLN A 486 4.36 -4.53 12.43
CA GLN A 486 3.03 -4.14 12.06
C GLN A 486 2.89 -2.63 12.32
N TYR A 487 2.40 -1.92 11.31
CA TYR A 487 2.34 -0.49 11.36
C TYR A 487 1.37 0.11 12.30
N THR A 488 1.73 1.34 12.72
CA THR A 488 0.75 2.30 13.23
C THR A 488 0.74 3.50 12.29
N ASN A 489 -0.42 4.15 12.27
CA ASN A 489 -0.66 5.25 11.42
C ASN A 489 -0.25 6.52 12.17
N GLY A 490 1.05 6.69 12.30
CA GLY A 490 1.63 7.78 13.10
C GLY A 490 1.42 9.09 12.43
N ARG A 491 0.69 9.96 13.08
CA ARG A 491 0.40 11.27 12.54
C ARG A 491 0.30 12.40 13.59
N LEU A 492 0.73 13.60 13.19
CA LEU A 492 0.48 14.82 13.90
C LEU A 492 -0.53 15.55 13.14
N ILE A 493 -1.59 15.90 13.83
CA ILE A 493 -2.66 16.60 13.23
C ILE A 493 -3.05 17.83 14.08
N LYS A 494 -3.12 19.03 13.47
CA LYS A 494 -3.37 20.29 14.19
C LYS A 494 -4.78 20.22 14.73
N PRO A 495 -5.03 20.81 15.91
CA PRO A 495 -6.40 20.68 16.53
C PRO A 495 -7.56 21.25 15.72
N TRP A 496 -7.25 22.17 14.80
CA TRP A 496 -8.25 22.85 14.02
C TRP A 496 -8.60 22.16 12.67
N LEU A 497 -7.84 21.10 12.34
CA LEU A 497 -8.11 20.25 11.16
C LEU A 497 -9.06 19.15 11.58
N LYS A 498 -10.23 19.23 11.00
CA LYS A 498 -11.23 18.22 11.23
C LYS A 498 -11.53 17.39 9.98
N GLY A 499 -12.00 16.18 10.26
CA GLY A 499 -12.51 15.26 9.24
C GLY A 499 -11.45 14.31 8.71
N TYR A 500 -10.24 14.28 9.29
CA TYR A 500 -9.23 13.34 8.83
C TYR A 500 -9.68 11.99 9.40
N PRO A 501 -9.73 10.93 8.56
CA PRO A 501 -10.21 9.59 9.04
C PRO A 501 -9.13 8.79 9.77
N ILE A 502 -8.70 9.35 10.89
CA ILE A 502 -7.53 8.85 11.59
C ILE A 502 -7.71 7.41 12.06
N ASN A 503 -8.97 7.00 12.24
CA ASN A 503 -9.28 5.66 12.67
C ASN A 503 -9.65 4.62 11.59
N ASN A 504 -9.50 4.99 10.31
CA ASN A 504 -9.63 4.03 9.19
C ASN A 504 -8.38 3.14 9.17
N PRO A 505 -8.53 1.81 9.39
CA PRO A 505 -7.29 1.01 9.49
C PRO A 505 -6.45 1.01 8.21
N GLU A 506 -7.01 1.39 7.08
CA GLU A 506 -6.21 1.43 5.89
C GLU A 506 -5.76 2.82 5.62
N ASP A 507 -6.06 3.79 6.51
CA ASP A 507 -5.65 5.19 6.23
C ASP A 507 -6.05 5.67 4.84
N VAL A 508 -7.26 5.36 4.42
CA VAL A 508 -7.85 5.89 3.18
C VAL A 508 -8.56 7.18 3.46
N ALA A 509 -8.02 8.30 2.91
CA ALA A 509 -8.50 9.65 3.22
C ALA A 509 -8.71 10.44 1.97
N TYR A 510 -9.69 11.31 2.03
CA TYR A 510 -10.05 12.17 0.89
C TYR A 510 -10.17 13.58 1.41
N SER A 511 -9.51 14.56 0.77
CA SER A 511 -9.54 15.95 1.33
C SER A 511 -10.93 16.47 1.40
N ARG A 512 -11.81 15.91 0.56
CA ARG A 512 -13.17 16.42 0.51
C ARG A 512 -13.92 16.22 1.85
N THR A 513 -13.45 15.38 2.76
CA THR A 513 -14.16 15.22 4.06
C THR A 513 -13.58 16.23 5.11
N MET A 514 -12.45 16.85 4.79
CA MET A 514 -11.78 17.64 5.79
C MET A 514 -12.23 19.14 5.75
N TYR A 515 -12.10 19.75 6.92
CA TYR A 515 -12.39 21.17 7.07
C TYR A 515 -11.59 21.82 8.23
N ILE A 516 -11.54 23.14 8.21
CA ILE A 516 -10.73 23.95 9.16
C ILE A 516 -11.59 24.80 10.03
N VAL A 517 -11.40 24.63 11.32
CA VAL A 517 -12.14 25.39 12.32
C VAL A 517 -11.36 26.71 12.69
N LYS A 518 -12.10 27.74 13.11
CA LYS A 518 -11.51 29.02 13.51
C LYS A 518 -10.43 28.78 14.51
N HIS A 519 -9.24 29.24 14.19
CA HIS A 519 -8.09 29.11 15.06
C HIS A 519 -7.10 30.28 14.86
C1 MHI B . -0.43 0.20 -2.07
N1 MHI B . -0.73 -2.15 -1.60
O1 MHI B . 1.51 -1.59 -0.26
C2 MHI B . 0.21 -1.23 -2.16
N2 MHI B . 2.64 -0.85 -2.01
O2 MHI B . 4.77 -1.04 -3.66
C3 MHI B . 1.52 -1.25 -1.40
N3 MHI B . 3.91 2.07 2.30
O3 MHI B . 6.14 -1.36 -2.03
C4 MHI B . 3.94 -0.86 -1.37
N4 MHI B . 1.55 5.07 8.55
O4 MHI B . 3.59 3.25 0.42
C5 MHI B . 5.01 -1.14 -2.38
O5 MHI B . 6.26 4.34 3.91
C6 MHI B . 4.27 0.46 -0.68
O6 MHI B . 6.47 2.34 3.20
C7 MHI B . 3.19 0.87 0.32
O7 MHI B . 4.85 5.85 7.65
C8 MHI B . 3.59 2.17 1.01
O8 MHI B . 3.88 5.02 9.49
C9 MHI B . 4.20 3.19 3.15
C10 MHI B . 5.70 3.25 3.44
C11 MHI B . 3.38 2.99 4.40
C12 MHI B . 3.64 4.03 5.48
C13 MHI B . 2.63 4.00 6.60
C15 MHI B . 3.81 5.36 8.30
C14 MHI B . 2.56 5.22 7.52
ZN ZN C . -29.53 8.67 -18.26
ZN ZN D . -15.65 23.48 -16.04
ZN ZN E . -0.56 -12.40 15.58
ZN ZN F . -3.79 27.94 10.31
#